data_5LPI
#
_entry.id   5LPI
#
_cell.length_a   74.149
_cell.length_b   80.320
_cell.length_c   118.130
_cell.angle_alpha   90.00
_cell.angle_beta   90.00
_cell.angle_gamma   90.00
#
_symmetry.space_group_name_H-M   'P 21 21 21'
#
loop_
_entity.id
_entity.type
_entity.pdbx_description
1 polymer 'Centrosomal protein of 104 kDa'
2 non-polymer 'ZINC ION'
3 water water
#
_entity_poly.entity_id   1
_entity_poly.type   'polypeptide(L)'
_entity_poly.pdbx_seq_one_letter_code
;GPHMDEHYLDNLCIFCGERSEEFTEEGLDLHYWKHCLMLTRCDHCKQVVEISSLTEHLLTECDKKDGFGKCYRCSEAVFK
EELPRHIKHKDCNPAKPEKLANRCPLCHENFSPGEEAWKAHLMGPAGCTMNLRK
;
_entity_poly.pdbx_strand_id   D,C,A,B
#
loop_
_chem_comp.id
_chem_comp.type
_chem_comp.name
_chem_comp.formula
ZN non-polymer 'ZINC ION' 'Zn 2'
#
# COMPACT_ATOMS: atom_id res chain seq x y z
N PRO A 2 9.00 3.98 50.17
CA PRO A 2 10.31 3.62 49.63
C PRO A 2 10.55 4.25 48.26
N HIS A 3 11.82 4.45 47.92
CA HIS A 3 12.20 5.24 46.76
C HIS A 3 11.89 4.49 45.46
N MET A 4 11.08 5.11 44.59
CA MET A 4 10.86 4.57 43.26
C MET A 4 12.08 4.79 42.38
N ASP A 5 12.44 3.77 41.62
CA ASP A 5 13.59 3.89 40.73
C ASP A 5 13.38 5.04 39.75
N GLU A 6 14.44 5.86 39.60
CA GLU A 6 14.38 7.00 38.70
C GLU A 6 14.02 6.58 37.28
N HIS A 7 14.43 5.38 36.87
CA HIS A 7 14.19 4.87 35.52
C HIS A 7 13.20 3.70 35.53
N TYR A 8 12.21 3.74 36.42
CA TYR A 8 11.24 2.65 36.48
C TYR A 8 10.31 2.65 35.26
N LEU A 9 9.95 3.84 34.77
CA LEU A 9 9.08 3.97 33.61
C LEU A 9 9.82 3.79 32.28
N ASP A 10 11.07 3.37 32.31
CA ASP A 10 11.90 3.23 31.12
C ASP A 10 12.09 1.77 30.74
N ASN A 11 12.26 1.53 29.44
CA ASN A 11 12.38 0.19 28.87
C ASN A 11 11.17 -0.68 29.20
N LEU A 12 10.01 -0.05 29.41
CA LEU A 12 8.81 -0.75 29.83
C LEU A 12 7.65 -0.47 28.88
N CYS A 13 6.96 -1.51 28.43
CA CYS A 13 5.66 -1.34 27.78
C CYS A 13 4.59 -1.26 28.86
N ILE A 14 4.00 -0.08 29.04
CA ILE A 14 2.96 0.08 30.06
C ILE A 14 1.69 -0.69 29.74
N PHE A 15 1.53 -1.19 28.52
CA PHE A 15 0.30 -1.92 28.19
C PHE A 15 0.37 -3.39 28.57
N CYS A 16 1.42 -4.08 28.15
CA CYS A 16 1.54 -5.48 28.51
C CYS A 16 2.51 -5.73 29.66
N GLY A 17 3.21 -4.70 30.11
CA GLY A 17 4.11 -4.84 31.25
C GLY A 17 5.51 -5.34 30.91
N GLU A 18 5.73 -5.85 29.70
CA GLU A 18 7.03 -6.41 29.35
C GLU A 18 8.11 -5.35 29.47
N ARG A 19 9.28 -5.79 29.90
CA ARG A 19 10.50 -4.98 29.90
C ARG A 19 11.52 -5.65 28.99
N SER A 20 12.31 -4.83 28.30
CA SER A 20 13.35 -5.35 27.42
C SER A 20 14.32 -4.22 27.09
N GLU A 21 15.59 -4.58 26.93
CA GLU A 21 16.58 -3.60 26.50
C GLU A 21 16.22 -3.01 25.15
N GLU A 22 15.64 -3.82 24.26
CA GLU A 22 15.24 -3.30 22.96
C GLU A 22 14.08 -2.31 23.03
N PHE A 23 13.41 -2.20 24.18
CA PHE A 23 12.29 -1.27 24.29
C PHE A 23 12.77 0.15 24.50
N THR A 24 13.63 0.63 23.61
CA THR A 24 13.93 2.05 23.56
C THR A 24 12.67 2.82 23.20
N GLU A 25 12.79 4.14 23.10
CA GLU A 25 11.63 4.97 22.76
C GLU A 25 10.99 4.55 21.44
N GLU A 26 11.78 4.07 20.49
CA GLU A 26 11.23 3.62 19.22
C GLU A 26 11.25 2.12 19.04
N GLY A 27 12.05 1.40 19.82
CA GLY A 27 11.79 -0.02 20.00
C GLY A 27 10.39 -0.26 20.54
N LEU A 28 9.87 0.69 21.32
CA LEU A 28 8.49 0.62 21.81
C LEU A 28 7.49 0.92 20.70
N ASP A 29 7.79 1.87 19.82
CA ASP A 29 6.88 2.17 18.72
C ASP A 29 6.70 0.95 17.82
N LEU A 30 7.77 0.22 17.58
CA LEU A 30 7.66 -0.99 16.78
C LEU A 30 6.93 -2.09 17.55
N HIS A 31 7.20 -2.18 18.85
CA HIS A 31 6.45 -3.07 19.73
C HIS A 31 4.95 -2.86 19.61
N TYR A 32 4.48 -1.61 19.73
CA TYR A 32 3.05 -1.35 19.66
C TYR A 32 2.50 -1.67 18.27
N TRP A 33 3.28 -1.34 17.23
CA TRP A 33 2.77 -1.47 15.87
C TRP A 33 2.58 -2.92 15.47
N LYS A 34 3.42 -3.83 15.98
CA LYS A 34 3.43 -5.20 15.51
C LYS A 34 3.22 -6.28 16.58
N HIS A 35 3.67 -6.07 17.82
CA HIS A 35 3.89 -7.21 18.69
C HIS A 35 3.06 -7.22 19.97
N CYS A 36 2.79 -6.07 20.59
CA CYS A 36 2.16 -6.06 21.91
C CYS A 36 0.81 -6.77 21.89
N LEU A 37 0.65 -7.78 22.77
CA LEU A 37 -0.58 -8.58 22.77
C LEU A 37 -1.79 -7.78 23.28
N MET A 38 -1.57 -6.68 23.96
CA MET A 38 -2.69 -5.89 24.50
C MET A 38 -3.23 -4.87 23.52
N LEU A 39 -2.57 -4.70 22.39
CA LEU A 39 -2.94 -3.69 21.41
C LEU A 39 -3.35 -4.36 20.11
N THR A 40 -4.05 -3.59 19.29
CA THR A 40 -4.44 -4.02 17.96
C THR A 40 -4.34 -2.82 17.02
N ARG A 41 -4.19 -3.08 15.73
CA ARG A 41 -4.32 -2.02 14.73
C ARG A 41 -5.78 -1.91 14.33
N CYS A 42 -6.34 -0.72 14.44
CA CYS A 42 -7.71 -0.54 13.95
C CYS A 42 -7.75 -0.72 12.44
N ASP A 43 -8.56 -1.66 11.95
CA ASP A 43 -8.58 -1.88 10.50
C ASP A 43 -9.20 -0.70 9.77
N HIS A 44 -9.99 0.13 10.45
CA HIS A 44 -10.72 1.20 9.78
C HIS A 44 -9.88 2.46 9.61
N CYS A 45 -9.04 2.81 10.60
CA CYS A 45 -8.25 4.02 10.56
C CYS A 45 -6.75 3.76 10.56
N LYS A 46 -6.32 2.51 10.76
CA LYS A 46 -4.94 2.04 10.77
C LYS A 46 -4.13 2.55 11.96
N GLN A 47 -4.77 3.09 12.99
CA GLN A 47 -4.09 3.47 14.22
C GLN A 47 -4.00 2.27 15.15
N VAL A 48 -2.97 2.27 16.01
CA VAL A 48 -2.86 1.28 17.09
C VAL A 48 -3.76 1.73 18.24
N VAL A 49 -4.55 0.79 18.77
CA VAL A 49 -5.43 1.09 19.91
C VAL A 49 -5.35 -0.05 20.93
N GLU A 50 -5.60 0.29 22.18
CA GLU A 50 -5.74 -0.73 23.21
C GLU A 50 -6.98 -1.57 22.93
N ILE A 51 -6.82 -2.89 22.99
CA ILE A 51 -7.98 -3.77 22.80
C ILE A 51 -9.05 -3.46 23.84
N SER A 52 -8.63 -3.18 25.08
CA SER A 52 -9.62 -2.90 26.13
C SER A 52 -10.33 -1.57 25.93
N SER A 53 -9.88 -0.77 24.96
CA SER A 53 -10.46 0.51 24.63
C SER A 53 -11.03 0.55 23.22
N LEU A 54 -11.14 -0.61 22.56
CA LEU A 54 -11.42 -0.62 21.12
C LEU A 54 -12.83 -0.16 20.82
N THR A 55 -13.82 -0.63 21.58
CA THR A 55 -15.18 -0.18 21.33
C THR A 55 -15.29 1.33 21.52
N GLU A 56 -14.73 1.85 22.62
CA GLU A 56 -14.75 3.29 22.86
C GLU A 56 -14.03 4.05 21.75
N HIS A 57 -12.92 3.47 21.23
CA HIS A 57 -12.23 4.06 20.09
C HIS A 57 -13.14 4.15 18.89
N LEU A 58 -13.75 3.03 18.51
CA LEU A 58 -14.58 2.99 17.31
C LEU A 58 -15.74 3.96 17.39
N LEU A 59 -16.30 4.15 18.59
CA LEU A 59 -17.50 4.97 18.73
C LEU A 59 -17.21 6.45 18.90
N THR A 60 -16.09 6.82 19.54
CA THR A 60 -15.87 8.21 19.90
C THR A 60 -14.55 8.80 19.41
N GLU A 61 -13.68 8.03 18.78
CA GLU A 61 -12.36 8.56 18.49
C GLU A 61 -11.89 8.30 17.07
N CYS A 62 -12.16 7.10 16.53
CA CYS A 62 -11.71 6.69 15.22
C CYS A 62 -12.06 7.72 14.15
N ASP A 63 -11.13 7.88 13.18
CA ASP A 63 -11.45 8.63 11.96
C ASP A 63 -12.76 8.18 11.35
N LYS A 64 -13.11 6.90 11.48
CA LYS A 64 -14.32 6.35 10.87
C LYS A 64 -15.51 6.24 11.83
N LYS A 65 -15.45 6.93 12.98
CA LYS A 65 -16.46 6.72 14.03
C LYS A 65 -17.87 7.03 13.57
N ASP A 66 -18.04 7.98 12.64
CA ASP A 66 -19.39 8.30 12.19
C ASP A 66 -20.02 7.16 11.39
N GLY A 67 -19.26 6.12 11.04
CA GLY A 67 -19.83 4.96 10.40
C GLY A 67 -20.24 3.84 11.35
N PHE A 68 -20.14 4.06 12.66
CA PHE A 68 -20.50 3.05 13.65
C PHE A 68 -21.60 3.55 14.58
N GLY A 69 -22.40 2.61 15.09
CA GLY A 69 -23.30 2.89 16.19
C GLY A 69 -23.18 1.80 17.23
N LYS A 70 -23.65 2.13 18.45
CA LYS A 70 -23.51 1.24 19.59
C LYS A 70 -24.75 0.37 19.71
N CYS A 71 -24.56 -0.94 19.73
CA CYS A 71 -25.68 -1.81 20.06
C CYS A 71 -25.93 -1.76 21.56
N TYR A 72 -27.12 -1.33 21.95
CA TYR A 72 -27.45 -1.23 23.36
C TYR A 72 -27.54 -2.60 24.03
N ARG A 73 -27.60 -3.69 23.25
CA ARG A 73 -27.60 -5.02 23.85
C ARG A 73 -26.20 -5.46 24.24
N CYS A 74 -25.28 -5.48 23.28
CA CYS A 74 -23.94 -5.98 23.56
C CYS A 74 -22.93 -4.86 23.87
N SER A 75 -23.29 -3.60 23.70
CA SER A 75 -22.46 -2.43 23.96
C SER A 75 -21.35 -2.25 22.93
N GLU A 76 -21.28 -3.09 21.91
CA GLU A 76 -20.22 -3.00 20.91
C GLU A 76 -20.60 -2.05 19.78
N ALA A 77 -19.57 -1.61 19.06
CA ALA A 77 -19.77 -0.83 17.85
C ALA A 77 -20.12 -1.74 16.68
N VAL A 78 -21.12 -1.32 15.90
CA VAL A 78 -21.57 -2.01 14.71
C VAL A 78 -21.66 -0.99 13.60
N PHE A 79 -21.34 -1.38 12.38
CA PHE A 79 -21.55 -0.49 11.24
C PHE A 79 -22.97 0.06 11.30
N LYS A 80 -23.12 1.36 11.05
CA LYS A 80 -24.42 2.00 11.24
C LYS A 80 -25.48 1.35 10.37
N GLU A 81 -25.13 0.98 9.14
CA GLU A 81 -26.13 0.39 8.24
C GLU A 81 -26.60 -0.97 8.70
N GLU A 82 -25.74 -1.75 9.35
CA GLU A 82 -26.06 -3.10 9.79
C GLU A 82 -26.72 -3.13 11.17
N LEU A 83 -26.74 -2.00 11.88
CA LEU A 83 -27.21 -2.00 13.25
C LEU A 83 -28.70 -2.37 13.39
N PRO A 84 -29.62 -1.89 12.54
CA PRO A 84 -31.01 -2.39 12.66
C PRO A 84 -31.12 -3.90 12.54
N ARG A 85 -30.52 -4.50 11.50
CA ARG A 85 -30.50 -5.96 11.38
C ARG A 85 -29.80 -6.61 12.56
N HIS A 86 -28.66 -6.07 12.98
CA HIS A 86 -27.98 -6.57 14.18
C HIS A 86 -28.94 -6.59 15.37
N ILE A 87 -29.64 -5.47 15.59
CA ILE A 87 -30.57 -5.37 16.71
C ILE A 87 -31.73 -6.33 16.54
N LYS A 88 -32.25 -6.45 15.31
CA LYS A 88 -33.38 -7.35 15.07
C LYS A 88 -32.99 -8.81 15.29
N HIS A 89 -31.78 -9.20 14.88
CA HIS A 89 -31.39 -10.60 14.98
C HIS A 89 -31.14 -11.04 16.42
N LYS A 90 -30.84 -10.11 17.33
CA LYS A 90 -30.66 -10.41 18.76
C LYS A 90 -29.74 -11.60 19.00
N ASP A 91 -28.66 -11.69 18.21
CA ASP A 91 -27.74 -12.81 18.34
C ASP A 91 -26.46 -12.46 19.10
N CYS A 92 -26.25 -11.18 19.42
CA CYS A 92 -25.04 -10.77 20.12
C CYS A 92 -25.11 -11.17 21.59
N ASN A 93 -23.94 -11.25 22.22
CA ASN A 93 -23.87 -11.60 23.64
C ASN A 93 -24.16 -10.36 24.48
N PRO A 94 -25.18 -10.39 25.34
CA PRO A 94 -25.53 -9.18 26.11
C PRO A 94 -24.38 -8.71 27.00
N ALA A 95 -24.31 -7.41 27.20
CA ALA A 95 -23.27 -6.80 28.02
C ALA A 95 -23.73 -6.71 29.47
N LYS A 96 -22.76 -6.52 30.36
CA LYS A 96 -22.98 -6.36 31.79
C LYS A 96 -22.33 -5.07 32.25
N PRO A 97 -22.77 -4.52 33.38
CA PRO A 97 -22.15 -3.27 33.89
C PRO A 97 -20.63 -3.36 33.94
N GLU A 98 -19.98 -2.27 33.54
CA GLU A 98 -18.52 -2.28 33.44
C GLU A 98 -17.86 -2.60 34.78
N LYS A 99 -18.47 -2.21 35.89
CA LYS A 99 -17.94 -2.55 37.20
C LYS A 99 -18.06 -4.04 37.49
N LEU A 100 -18.96 -4.74 36.81
CA LEU A 100 -19.13 -6.16 37.06
C LEU A 100 -18.29 -7.03 36.13
N ALA A 101 -17.95 -6.54 34.93
CA ALA A 101 -17.29 -7.40 33.97
C ALA A 101 -16.51 -6.60 32.92
N ASN A 102 -15.34 -7.11 32.56
CA ASN A 102 -14.70 -6.76 31.30
C ASN A 102 -15.44 -7.41 30.14
N ARG A 103 -15.42 -6.74 28.99
CA ARG A 103 -16.02 -7.24 27.77
C ARG A 103 -14.97 -7.23 26.67
N CYS A 104 -14.64 -8.42 26.16
CA CYS A 104 -13.67 -8.51 25.06
C CYS A 104 -14.36 -8.17 23.75
N PRO A 105 -13.91 -7.14 23.03
CA PRO A 105 -14.52 -6.83 21.73
C PRO A 105 -14.07 -7.78 20.62
N LEU A 106 -13.08 -8.63 20.86
CA LEU A 106 -12.60 -9.55 19.83
C LEU A 106 -13.37 -10.87 19.84
N CYS A 107 -13.59 -11.45 21.02
CA CYS A 107 -14.32 -12.71 21.12
C CYS A 107 -15.68 -12.56 21.77
N HIS A 108 -16.04 -11.35 22.24
CA HIS A 108 -17.37 -11.05 22.77
C HIS A 108 -17.67 -11.71 24.12
N GLU A 109 -16.65 -12.10 24.89
CA GLU A 109 -16.88 -12.69 26.19
C GLU A 109 -16.90 -11.63 27.28
N ASN A 110 -17.78 -11.82 28.25
CA ASN A 110 -17.77 -11.05 29.49
C ASN A 110 -17.00 -11.85 30.53
N PHE A 111 -16.11 -11.19 31.26
CA PHE A 111 -15.32 -11.93 32.23
C PHE A 111 -14.94 -10.99 33.37
N SER A 112 -14.25 -11.57 34.38
CA SER A 112 -13.77 -10.89 35.58
C SER A 112 -13.32 -9.47 35.26
N PRO A 113 -13.73 -8.47 36.04
CA PRO A 113 -13.32 -7.10 35.74
C PRO A 113 -11.88 -6.83 36.17
N GLY A 114 -11.32 -5.77 35.60
CA GLY A 114 -10.06 -5.22 36.08
C GLY A 114 -8.92 -5.48 35.12
N GLU A 115 -7.79 -4.81 35.42
CA GLU A 115 -6.65 -4.82 34.51
C GLU A 115 -5.95 -6.17 34.50
N GLU A 116 -5.79 -6.79 35.67
CA GLU A 116 -5.18 -8.11 35.75
C GLU A 116 -5.94 -9.13 34.93
N ALA A 117 -7.27 -9.06 34.95
CA ALA A 117 -8.10 -9.93 34.11
C ALA A 117 -7.91 -9.65 32.63
N TRP A 118 -7.84 -8.37 32.24
CA TRP A 118 -7.57 -8.06 30.84
C TRP A 118 -6.29 -8.72 30.36
N LYS A 119 -5.22 -8.59 31.15
CA LYS A 119 -3.95 -9.20 30.75
C LYS A 119 -4.06 -10.71 30.64
N ALA A 120 -4.73 -11.34 31.62
CA ALA A 120 -4.83 -12.80 31.59
C ALA A 120 -5.66 -13.27 30.41
N HIS A 121 -6.73 -12.53 30.08
CA HIS A 121 -7.55 -12.90 28.93
C HIS A 121 -6.77 -12.76 27.62
N LEU A 122 -6.12 -11.63 27.41
CA LEU A 122 -5.52 -11.35 26.12
C LEU A 122 -4.17 -12.03 25.93
N MET A 123 -3.42 -12.27 27.00
CA MET A 123 -2.07 -12.81 26.88
C MET A 123 -1.89 -14.20 27.46
N GLY A 124 -2.76 -14.62 28.36
CA GLY A 124 -2.54 -15.85 29.09
C GLY A 124 -2.71 -17.05 28.19
N PRO A 125 -2.42 -18.23 28.72
CA PRO A 125 -2.68 -19.45 27.97
C PRO A 125 -4.16 -19.80 28.01
N ALA A 126 -4.63 -20.35 26.89
CA ALA A 126 -6.03 -20.74 26.73
C ALA A 126 -6.98 -19.56 26.98
N GLY A 127 -6.50 -18.34 26.77
CA GLY A 127 -7.33 -17.16 26.93
C GLY A 127 -8.08 -16.83 25.66
N CYS A 128 -7.90 -15.61 25.16
CA CYS A 128 -8.65 -15.14 24.00
C CYS A 128 -8.27 -15.92 22.75
N THR A 129 -9.27 -16.42 22.03
CA THR A 129 -9.04 -17.14 20.79
C THR A 129 -9.04 -16.22 19.58
N MET A 130 -9.36 -14.94 19.74
CA MET A 130 -9.52 -14.05 18.61
C MET A 130 -8.45 -12.95 18.59
N ASN A 131 -7.39 -13.09 19.38
CA ASN A 131 -6.30 -12.11 19.40
C ASN A 131 -5.27 -12.51 18.36
N LEU A 132 -5.27 -11.79 17.23
CA LEU A 132 -4.45 -12.19 16.08
C LEU A 132 -2.96 -11.99 16.30
N ARG A 133 -2.55 -11.26 17.32
CA ARG A 133 -1.12 -11.19 17.62
C ARG A 133 -0.67 -12.34 18.50
N LYS A 134 -1.60 -13.15 18.99
CA LYS A 134 -1.24 -14.26 19.88
C LYS A 134 -0.97 -15.51 19.05
N GLY B 1 9.57 -37.55 20.21
CA GLY B 1 9.74 -36.46 19.24
C GLY B 1 8.84 -36.63 18.04
N PRO B 2 8.99 -35.75 17.04
CA PRO B 2 9.95 -34.64 17.02
C PRO B 2 9.42 -33.38 17.70
N HIS B 3 10.33 -32.51 18.13
CA HIS B 3 9.95 -31.19 18.65
C HIS B 3 9.39 -30.35 17.51
N MET B 4 8.19 -29.83 17.69
CA MET B 4 7.53 -29.07 16.64
C MET B 4 8.22 -27.71 16.48
N ASP B 5 7.63 -26.84 15.64
CA ASP B 5 8.25 -25.56 15.31
C ASP B 5 7.21 -24.46 15.46
N GLU B 6 7.37 -23.63 16.49
CA GLU B 6 6.45 -22.52 16.71
C GLU B 6 6.60 -21.45 15.64
N HIS B 7 7.79 -21.30 15.07
CA HIS B 7 8.10 -20.20 14.16
C HIS B 7 8.11 -20.63 12.69
N TYR B 8 7.38 -21.69 12.37
CA TYR B 8 7.36 -22.21 11.00
C TYR B 8 6.86 -21.14 10.02
N LEU B 9 5.86 -20.35 10.42
CA LEU B 9 5.26 -19.39 9.50
C LEU B 9 6.11 -18.14 9.28
N ASP B 10 7.25 -18.01 9.96
CA ASP B 10 8.03 -16.80 9.85
C ASP B 10 8.72 -16.70 8.50
N ASN B 11 8.67 -15.50 7.91
CA ASN B 11 9.35 -15.20 6.65
C ASN B 11 8.88 -16.11 5.53
N LEU B 12 7.63 -16.56 5.59
CA LEU B 12 7.10 -17.52 4.64
C LEU B 12 5.94 -16.92 3.86
N CYS B 13 5.95 -17.09 2.54
CA CYS B 13 4.74 -16.94 1.75
C CYS B 13 4.00 -18.26 1.74
N ILE B 14 2.81 -18.30 2.35
CA ILE B 14 2.04 -19.53 2.41
C ILE B 14 1.43 -19.91 1.08
N PHE B 15 1.47 -19.00 0.11
CA PHE B 15 0.81 -19.29 -1.17
C PHE B 15 1.76 -19.98 -2.13
N CYS B 16 2.97 -19.44 -2.29
CA CYS B 16 3.92 -20.07 -3.19
C CYS B 16 4.98 -20.87 -2.46
N GLY B 17 5.07 -20.74 -1.14
CA GLY B 17 6.00 -21.51 -0.34
C GLY B 17 7.38 -20.91 -0.21
N GLU B 18 7.65 -19.76 -0.86
CA GLU B 18 8.98 -19.19 -0.79
CA GLU B 18 8.97 -19.17 -0.79
C GLU B 18 9.26 -18.64 0.61
N ARG B 19 10.51 -18.77 1.04
CA ARG B 19 11.00 -18.21 2.28
C ARG B 19 12.09 -17.21 1.94
N SER B 20 12.10 -16.08 2.64
CA SER B 20 13.08 -15.05 2.32
C SER B 20 13.28 -14.14 3.51
N GLU B 21 14.52 -13.67 3.67
CA GLU B 21 14.80 -12.60 4.62
C GLU B 21 14.01 -11.34 4.28
N GLU B 22 13.64 -11.15 3.01
CA GLU B 22 12.83 -10.00 2.62
C GLU B 22 11.39 -10.08 3.13
N PHE B 23 10.96 -11.26 3.56
CA PHE B 23 9.54 -11.45 3.88
C PHE B 23 9.22 -11.01 5.30
N THR B 24 9.59 -9.78 5.62
CA THR B 24 8.99 -9.04 6.73
C THR B 24 7.51 -8.82 6.43
N GLU B 25 6.75 -8.25 7.36
CA GLU B 25 5.35 -7.95 7.06
C GLU B 25 5.25 -7.10 5.79
N GLU B 26 6.10 -6.08 5.68
CA GLU B 26 6.03 -5.17 4.55
C GLU B 26 6.57 -5.81 3.27
N GLY B 27 7.64 -6.61 3.38
CA GLY B 27 8.15 -7.34 2.21
C GLY B 27 7.16 -8.35 1.68
N LEU B 28 6.47 -9.07 2.58
CA LEU B 28 5.42 -9.98 2.13
C LEU B 28 4.28 -9.22 1.48
N ASP B 29 3.87 -8.11 2.08
CA ASP B 29 2.80 -7.31 1.47
CA ASP B 29 2.81 -7.30 1.48
C ASP B 29 3.16 -6.92 0.04
N LEU B 30 4.41 -6.52 -0.19
CA LEU B 30 4.84 -6.18 -1.55
C LEU B 30 4.87 -7.44 -2.42
N HIS B 31 5.35 -8.55 -1.85
CA HIS B 31 5.33 -9.83 -2.55
C HIS B 31 3.93 -10.19 -3.04
N TYR B 32 2.91 -10.08 -2.18
CA TYR B 32 1.54 -10.41 -2.60
C TYR B 32 1.07 -9.46 -3.70
N TRP B 33 1.44 -8.19 -3.56
CA TRP B 33 0.93 -7.13 -4.42
C TRP B 33 1.41 -7.30 -5.86
N LYS B 34 2.66 -7.75 -6.04
CA LYS B 34 3.26 -7.67 -7.36
C LYS B 34 3.90 -8.97 -7.87
N HIS B 35 4.36 -9.85 -6.97
CA HIS B 35 5.34 -10.85 -7.39
C HIS B 35 4.91 -12.29 -7.21
N CYS B 36 4.13 -12.62 -6.19
CA CYS B 36 3.78 -14.01 -5.94
C CYS B 36 3.09 -14.65 -7.15
N LEU B 37 3.65 -15.77 -7.63
CA LEU B 37 3.14 -16.39 -8.85
C LEU B 37 1.77 -17.05 -8.65
N MET B 38 1.37 -17.30 -7.40
CA MET B 38 0.10 -17.95 -7.10
C MET B 38 -1.05 -16.96 -7.02
N LEU B 39 -0.75 -15.66 -7.08
CA LEU B 39 -1.74 -14.63 -6.80
C LEU B 39 -1.87 -13.70 -7.99
N THR B 40 -2.97 -12.99 -8.02
CA THR B 40 -3.18 -11.94 -9.00
C THR B 40 -3.93 -10.79 -8.36
N ARG B 41 -3.74 -9.61 -8.92
CA ARG B 41 -4.49 -8.44 -8.51
C ARG B 41 -5.73 -8.35 -9.38
N CYS B 42 -6.90 -8.49 -8.77
CA CYS B 42 -8.13 -8.36 -9.54
C CYS B 42 -8.18 -6.98 -10.19
N ASP B 43 -8.33 -6.98 -11.52
CA ASP B 43 -8.36 -5.71 -12.26
C ASP B 43 -9.47 -4.80 -11.78
N HIS B 44 -10.57 -5.38 -11.32
CA HIS B 44 -11.84 -4.68 -11.11
C HIS B 44 -11.99 -4.14 -9.70
N CYS B 45 -11.56 -4.91 -8.69
CA CYS B 45 -11.68 -4.48 -7.31
C CYS B 45 -10.33 -4.23 -6.66
N LYS B 46 -9.23 -4.47 -7.37
CA LYS B 46 -7.86 -4.16 -6.96
C LYS B 46 -7.37 -4.97 -5.76
N GLN B 47 -8.14 -5.95 -5.29
CA GLN B 47 -7.70 -6.80 -4.21
C GLN B 47 -6.82 -7.93 -4.74
N VAL B 48 -5.93 -8.42 -3.88
CA VAL B 48 -5.11 -9.57 -4.25
C VAL B 48 -5.87 -10.85 -3.95
N VAL B 49 -5.97 -11.74 -4.95
CA VAL B 49 -6.71 -12.98 -4.79
C VAL B 49 -5.86 -14.13 -5.32
N GLU B 50 -6.10 -15.32 -4.79
CA GLU B 50 -5.46 -16.52 -5.34
C GLU B 50 -6.02 -16.80 -6.73
N ILE B 51 -5.13 -17.12 -7.67
CA ILE B 51 -5.58 -17.47 -9.02
C ILE B 51 -6.51 -18.68 -8.99
N SER B 52 -6.23 -19.65 -8.10
CA SER B 52 -7.10 -20.81 -7.98
C SER B 52 -8.48 -20.45 -7.42
N SER B 53 -8.64 -19.26 -6.88
CA SER B 53 -9.93 -18.75 -6.43
C SER B 53 -10.50 -17.67 -7.33
N LEU B 54 -9.84 -17.36 -8.45
CA LEU B 54 -10.19 -16.12 -9.17
C LEU B 54 -11.59 -16.20 -9.75
N THR B 55 -11.96 -17.34 -10.34
CA THR B 55 -13.28 -17.45 -10.96
C THR B 55 -14.39 -17.36 -9.92
N GLU B 56 -14.22 -18.03 -8.79
CA GLU B 56 -15.19 -17.90 -7.70
C GLU B 56 -15.21 -16.49 -7.15
N HIS B 57 -14.05 -15.84 -7.05
CA HIS B 57 -14.00 -14.45 -6.64
C HIS B 57 -14.82 -13.56 -7.58
N LEU B 58 -14.57 -13.69 -8.89
CA LEU B 58 -15.23 -12.81 -9.86
C LEU B 58 -16.74 -12.99 -9.86
N LEU B 59 -17.22 -14.19 -9.53
CA LEU B 59 -18.65 -14.48 -9.56
C LEU B 59 -19.36 -14.10 -8.27
N THR B 60 -18.74 -14.35 -7.12
CA THR B 60 -19.46 -14.35 -5.84
C THR B 60 -18.87 -13.43 -4.77
N GLU B 61 -17.62 -13.00 -4.88
CA GLU B 61 -16.97 -12.25 -3.81
C GLU B 61 -16.55 -10.84 -4.21
N CYS B 62 -16.30 -10.60 -5.49
CA CYS B 62 -15.76 -9.34 -5.97
C CYS B 62 -16.74 -8.19 -5.71
N ASP B 63 -16.22 -6.97 -5.77
CA ASP B 63 -17.08 -5.80 -5.73
C ASP B 63 -17.88 -5.65 -7.03
N LYS B 64 -17.20 -5.79 -8.17
CA LYS B 64 -17.84 -5.68 -9.47
C LYS B 64 -18.49 -6.99 -9.92
N LYS B 65 -18.80 -7.90 -9.00
CA LYS B 65 -19.25 -9.24 -9.38
C LYS B 65 -20.57 -9.22 -10.14
N ASP B 66 -21.33 -8.13 -10.04
CA ASP B 66 -22.60 -8.03 -10.75
C ASP B 66 -22.41 -7.86 -12.25
N GLY B 67 -21.21 -7.49 -12.70
CA GLY B 67 -20.94 -7.39 -14.11
C GLY B 67 -20.56 -8.68 -14.80
N PHE B 68 -20.51 -9.79 -14.07
CA PHE B 68 -19.97 -11.05 -14.60
C PHE B 68 -21.04 -12.11 -14.68
N GLY B 69 -20.95 -12.93 -15.73
CA GLY B 69 -21.80 -14.10 -15.86
C GLY B 69 -20.95 -15.32 -16.14
N LYS B 70 -21.56 -16.48 -15.91
CA LYS B 70 -20.90 -17.77 -16.02
C LYS B 70 -21.28 -18.44 -17.33
N CYS B 71 -20.27 -18.90 -18.08
CA CYS B 71 -20.54 -19.68 -19.29
C CYS B 71 -20.83 -21.12 -18.89
N TYR B 72 -21.96 -21.65 -19.38
CA TYR B 72 -22.30 -23.04 -19.08
C TYR B 72 -21.27 -24.01 -19.64
N ARG B 73 -20.67 -23.67 -20.79
CA ARG B 73 -19.78 -24.60 -21.49
C ARG B 73 -18.41 -24.67 -20.82
N CYS B 74 -17.83 -23.52 -20.47
CA CYS B 74 -16.49 -23.49 -19.88
C CYS B 74 -16.45 -23.18 -18.39
N SER B 75 -17.57 -22.74 -17.80
CA SER B 75 -17.70 -22.45 -16.37
C SER B 75 -16.81 -21.31 -15.89
N GLU B 76 -16.31 -20.47 -16.78
CA GLU B 76 -15.57 -19.31 -16.33
C GLU B 76 -16.49 -18.08 -16.25
N ALA B 77 -15.95 -17.02 -15.67
CA ALA B 77 -16.63 -15.74 -15.58
C ALA B 77 -16.41 -14.95 -16.86
N VAL B 78 -17.49 -14.40 -17.40
CA VAL B 78 -17.49 -13.58 -18.61
C VAL B 78 -18.24 -12.30 -18.29
N PHE B 79 -17.76 -11.17 -18.82
CA PHE B 79 -18.55 -9.93 -18.79
C PHE B 79 -19.95 -10.20 -19.32
N LYS B 80 -20.97 -9.79 -18.55
CA LYS B 80 -22.35 -10.08 -18.92
C LYS B 80 -22.67 -9.64 -20.34
N GLU B 81 -22.12 -8.50 -20.76
CA GLU B 81 -22.38 -8.03 -22.12
C GLU B 81 -21.78 -8.99 -23.15
N GLU B 82 -20.61 -9.54 -22.87
CA GLU B 82 -19.94 -10.43 -23.82
C GLU B 82 -20.53 -11.83 -23.81
N LEU B 83 -21.29 -12.21 -22.78
CA LEU B 83 -21.68 -13.60 -22.60
C LEU B 83 -22.53 -14.16 -23.73
N PRO B 84 -23.58 -13.47 -24.22
CA PRO B 84 -24.35 -14.06 -25.33
C PRO B 84 -23.52 -14.36 -26.56
N ARG B 85 -22.64 -13.43 -26.94
CA ARG B 85 -21.75 -13.66 -28.08
C ARG B 85 -20.76 -14.79 -27.80
N HIS B 86 -20.17 -14.77 -26.59
CA HIS B 86 -19.31 -15.87 -26.14
C HIS B 86 -20.04 -17.20 -26.21
N ILE B 87 -21.29 -17.25 -25.75
CA ILE B 87 -22.07 -18.48 -25.80
C ILE B 87 -22.31 -18.91 -27.25
N LYS B 88 -22.57 -17.95 -28.15
CA LYS B 88 -22.86 -18.31 -29.53
C LYS B 88 -21.61 -18.82 -30.25
N HIS B 89 -20.43 -18.28 -29.91
CA HIS B 89 -19.23 -18.67 -30.64
C HIS B 89 -18.89 -20.14 -30.41
N LYS B 90 -19.19 -20.68 -29.23
CA LYS B 90 -18.90 -22.09 -28.90
C LYS B 90 -17.43 -22.40 -29.17
N ASP B 91 -16.56 -21.45 -28.82
CA ASP B 91 -15.14 -21.55 -29.12
C ASP B 91 -14.30 -21.73 -27.88
N CYS B 92 -14.87 -21.58 -26.69
CA CYS B 92 -14.17 -21.74 -25.43
C CYS B 92 -13.93 -23.22 -25.13
N ASN B 93 -13.01 -23.46 -24.21
CA ASN B 93 -12.65 -24.81 -23.82
C ASN B 93 -13.65 -25.34 -22.80
N PRO B 94 -14.34 -26.45 -23.07
CA PRO B 94 -15.35 -26.92 -22.13
C PRO B 94 -14.73 -27.32 -20.79
N ALA B 95 -15.49 -27.07 -19.72
CA ALA B 95 -15.06 -27.44 -18.38
C ALA B 95 -15.18 -28.95 -18.17
N LYS B 96 -14.58 -29.42 -17.08
CA LYS B 96 -14.63 -30.79 -16.62
C LYS B 96 -14.94 -30.77 -15.13
N PRO B 97 -15.45 -31.86 -14.57
CA PRO B 97 -15.85 -31.84 -13.16
C PRO B 97 -14.70 -31.44 -12.25
N GLU B 98 -15.01 -30.60 -11.25
CA GLU B 98 -13.99 -30.10 -10.34
C GLU B 98 -13.22 -31.24 -9.69
N LYS B 99 -13.90 -32.35 -9.38
CA LYS B 99 -13.26 -33.53 -8.82
C LYS B 99 -12.21 -34.11 -9.76
N LEU B 100 -12.41 -33.98 -11.08
CA LEU B 100 -11.48 -34.55 -12.04
C LEU B 100 -10.42 -33.56 -12.55
N ALA B 101 -10.59 -32.26 -12.34
CA ALA B 101 -9.68 -31.30 -12.97
C ALA B 101 -9.74 -29.94 -12.28
N ASN B 102 -8.56 -29.32 -12.16
CA ASN B 102 -8.49 -27.87 -11.98
C ASN B 102 -8.75 -27.16 -13.31
N ARG B 103 -9.26 -25.94 -13.22
CA ARG B 103 -9.45 -25.07 -14.37
C ARG B 103 -8.61 -23.81 -14.18
N CYS B 104 -7.66 -23.56 -15.08
CA CYS B 104 -6.90 -22.32 -14.98
C CYS B 104 -7.71 -21.19 -15.59
N PRO B 105 -8.06 -20.15 -14.84
CA PRO B 105 -8.84 -19.04 -15.42
C PRO B 105 -8.01 -18.15 -16.32
N LEU B 106 -6.69 -18.27 -16.30
CA LEU B 106 -5.82 -17.43 -17.10
C LEU B 106 -5.60 -17.99 -18.50
N CYS B 107 -5.29 -19.28 -18.59
CA CYS B 107 -4.96 -19.90 -19.87
C CYS B 107 -6.04 -20.89 -20.34
N HIS B 108 -7.05 -21.15 -19.51
CA HIS B 108 -8.23 -21.96 -19.81
C HIS B 108 -7.93 -23.44 -19.84
N GLU B 109 -6.76 -23.84 -19.38
CA GLU B 109 -6.43 -25.26 -19.38
C GLU B 109 -7.16 -26.00 -18.27
N ASN B 110 -7.70 -27.16 -18.60
CA ASN B 110 -8.11 -28.16 -17.62
C ASN B 110 -6.93 -29.07 -17.31
N PHE B 111 -6.59 -29.24 -16.04
CA PHE B 111 -5.42 -30.04 -15.70
C PHE B 111 -5.67 -30.78 -14.40
N SER B 112 -4.67 -31.57 -13.99
CA SER B 112 -4.84 -32.48 -12.85
C SER B 112 -5.25 -31.70 -11.60
N PRO B 113 -6.12 -32.27 -10.77
CA PRO B 113 -6.68 -31.50 -9.66
C PRO B 113 -5.78 -31.49 -8.44
N GLY B 114 -6.00 -30.52 -7.57
CA GLY B 114 -5.29 -30.45 -6.30
C GLY B 114 -4.33 -29.27 -6.26
N GLU B 115 -3.74 -29.10 -5.08
CA GLU B 115 -2.93 -27.91 -4.81
C GLU B 115 -1.51 -28.05 -5.36
N GLU B 116 -0.90 -29.22 -5.23
CA GLU B 116 0.42 -29.43 -5.85
C GLU B 116 0.34 -29.19 -7.36
N ALA B 117 -0.77 -29.58 -7.98
CA ALA B 117 -0.96 -29.28 -9.40
C ALA B 117 -1.03 -27.78 -9.64
N TRP B 118 -1.79 -27.04 -8.81
CA TRP B 118 -1.87 -25.58 -8.99
C TRP B 118 -0.49 -24.94 -8.97
N LYS B 119 0.38 -25.37 -8.04
CA LYS B 119 1.71 -24.78 -7.99
C LYS B 119 2.53 -25.17 -9.22
N ALA B 120 2.43 -26.43 -9.64
CA ALA B 120 3.18 -26.86 -10.81
C ALA B 120 2.68 -26.15 -12.05
N HIS B 121 1.37 -25.94 -12.15
CA HIS B 121 0.83 -25.27 -13.32
C HIS B 121 1.26 -23.82 -13.36
N LEU B 122 1.16 -23.11 -12.24
CA LEU B 122 1.38 -21.67 -12.27
C LEU B 122 2.83 -21.29 -12.14
N MET B 123 3.68 -22.17 -11.61
CA MET B 123 5.06 -21.85 -11.32
C MET B 123 6.06 -22.76 -11.99
N GLY B 124 5.68 -24.00 -12.30
CA GLY B 124 6.63 -25.01 -12.67
C GLY B 124 7.17 -24.80 -14.07
N PRO B 125 8.06 -25.70 -14.48
CA PRO B 125 8.59 -25.64 -15.84
C PRO B 125 7.47 -25.86 -16.85
N ALA B 126 7.50 -25.07 -17.92
CA ALA B 126 6.64 -25.28 -19.09
C ALA B 126 5.16 -25.29 -18.69
N GLY B 127 4.80 -24.42 -17.74
CA GLY B 127 3.44 -24.37 -17.24
C GLY B 127 2.61 -23.27 -17.89
N CYS B 128 2.02 -22.41 -17.06
CA CYS B 128 1.02 -21.45 -17.54
C CYS B 128 1.66 -20.38 -18.43
N THR B 129 1.14 -20.24 -19.65
CA THR B 129 1.60 -19.23 -20.59
C THR B 129 1.00 -17.85 -20.35
N MET B 130 0.00 -17.75 -19.47
CA MET B 130 -0.77 -16.52 -19.30
C MET B 130 -0.64 -15.96 -17.90
N ASN B 131 0.34 -16.42 -17.12
CA ASN B 131 0.56 -15.90 -15.78
C ASN B 131 1.49 -14.69 -15.92
N LEU B 132 0.92 -13.49 -15.88
CA LEU B 132 1.66 -12.28 -16.24
C LEU B 132 2.72 -11.91 -15.22
N ARG B 133 2.76 -12.54 -14.04
CA ARG B 133 3.81 -12.24 -13.09
C ARG B 133 5.10 -13.02 -13.34
N LYS B 134 5.08 -14.00 -14.26
CA LYS B 134 6.26 -14.81 -14.52
C LYS B 134 7.48 -13.96 -14.88
N GLU C 6 -29.71 32.38 10.99
CA GLU C 6 -28.83 31.30 10.56
C GLU C 6 -28.32 31.53 9.14
N HIS C 7 -28.36 30.46 8.32
CA HIS C 7 -27.69 30.44 7.02
C HIS C 7 -26.19 30.71 7.17
N TYR C 8 -25.61 30.29 8.30
CA TYR C 8 -24.21 30.57 8.59
C TYR C 8 -23.29 29.97 7.54
N LEU C 9 -23.71 28.88 6.89
CA LEU C 9 -22.90 28.21 5.88
C LEU C 9 -22.85 28.94 4.55
N ASP C 10 -23.70 29.95 4.35
CA ASP C 10 -23.85 30.55 3.03
C ASP C 10 -22.62 31.36 2.65
N ASN C 11 -22.09 31.09 1.44
CA ASN C 11 -20.95 31.80 0.85
C ASN C 11 -19.67 31.62 1.66
N LEU C 12 -19.57 30.51 2.38
CA LEU C 12 -18.43 30.22 3.22
C LEU C 12 -17.68 29.02 2.67
N CYS C 13 -16.35 29.11 2.64
CA CYS C 13 -15.53 27.91 2.49
C CYS C 13 -15.24 27.37 3.88
N ILE C 14 -15.81 26.21 4.22
CA ILE C 14 -15.62 25.68 5.56
C ILE C 14 -14.20 25.20 5.81
N PHE C 15 -13.39 25.03 4.75
CA PHE C 15 -12.04 24.54 4.89
C PHE C 15 -11.03 25.65 5.21
N CYS C 16 -11.03 26.74 4.45
CA CYS C 16 -10.13 27.83 4.77
C CYS C 16 -10.81 28.95 5.54
N GLY C 17 -12.13 28.93 5.68
CA GLY C 17 -12.85 29.94 6.42
C GLY C 17 -13.19 31.18 5.64
N GLU C 18 -12.71 31.30 4.41
CA GLU C 18 -12.95 32.50 3.61
C GLU C 18 -14.43 32.61 3.24
N ARG C 19 -14.92 33.84 3.24
CA ARG C 19 -16.26 34.17 2.76
C ARG C 19 -16.13 35.09 1.56
N SER C 20 -17.01 34.89 0.58
CA SER C 20 -16.96 35.70 -0.63
C SER C 20 -18.31 35.63 -1.32
N GLU C 21 -18.74 36.77 -1.89
CA GLU C 21 -19.97 36.79 -2.68
C GLU C 21 -19.90 35.81 -3.84
N GLU C 22 -18.70 35.51 -4.31
CA GLU C 22 -18.52 34.54 -5.39
C GLU C 22 -18.80 33.11 -4.96
N PHE C 23 -18.81 32.85 -3.65
CA PHE C 23 -18.91 31.48 -3.15
C PHE C 23 -20.35 30.97 -3.16
N THR C 24 -21.02 31.09 -4.31
CA THR C 24 -22.23 30.32 -4.56
C THR C 24 -21.84 28.85 -4.64
N GLU C 25 -22.82 27.96 -4.80
CA GLU C 25 -22.51 26.54 -4.89
C GLU C 25 -21.55 26.25 -6.04
N GLU C 26 -21.61 27.05 -7.11
CA GLU C 26 -20.72 26.85 -8.23
C GLU C 26 -19.37 27.54 -8.01
N GLY C 27 -19.38 28.73 -7.40
CA GLY C 27 -18.14 29.40 -7.09
C GLY C 27 -17.28 28.65 -6.08
N LEU C 28 -17.92 27.97 -5.13
CA LEU C 28 -17.17 27.15 -4.18
C LEU C 28 -16.51 25.96 -4.88
N ASP C 29 -17.20 25.34 -5.84
CA ASP C 29 -16.61 24.21 -6.55
C ASP C 29 -15.34 24.63 -7.27
N LEU C 30 -15.36 25.81 -7.91
CA LEU C 30 -14.16 26.34 -8.53
C LEU C 30 -13.10 26.64 -7.49
N HIS C 31 -13.51 27.19 -6.36
CA HIS C 31 -12.58 27.45 -5.25
C HIS C 31 -11.90 26.17 -4.79
N TYR C 32 -12.66 25.11 -4.53
CA TYR C 32 -12.07 23.85 -4.10
C TYR C 32 -11.09 23.32 -5.13
N TRP C 33 -11.46 23.40 -6.41
CA TRP C 33 -10.71 22.71 -7.45
C TRP C 33 -9.39 23.39 -7.74
N LYS C 34 -9.34 24.72 -7.64
CA LYS C 34 -8.15 25.45 -8.05
C LYS C 34 -7.47 26.23 -6.95
N HIS C 35 -8.19 26.72 -5.94
CA HIS C 35 -7.69 27.84 -5.14
C HIS C 35 -7.49 27.55 -3.67
N CYS C 36 -8.40 26.82 -3.02
CA CYS C 36 -8.41 26.74 -1.56
C CYS C 36 -7.06 26.22 -1.05
N LEU C 37 -6.41 26.99 -0.17
CA LEU C 37 -5.08 26.62 0.33
C LEU C 37 -5.09 25.38 1.20
N MET C 38 -6.24 25.00 1.75
CA MET C 38 -6.34 23.86 2.65
C MET C 38 -6.62 22.54 1.93
N LEU C 39 -6.83 22.58 0.62
CA LEU C 39 -7.15 21.39 -0.16
C LEU C 39 -6.04 21.13 -1.18
N THR C 40 -6.00 19.87 -1.65
CA THR C 40 -5.02 19.45 -2.64
C THR C 40 -5.70 18.47 -3.59
N ARG C 41 -5.17 18.36 -4.80
CA ARG C 41 -5.60 17.32 -5.73
C ARG C 41 -4.72 16.10 -5.53
N CYS C 42 -5.35 14.97 -5.18
CA CYS C 42 -4.61 13.75 -4.95
C CYS C 42 -3.91 13.34 -6.24
N ASP C 43 -2.60 13.10 -6.15
CA ASP C 43 -1.84 12.73 -7.36
C ASP C 43 -2.35 11.42 -7.95
N HIS C 44 -2.93 10.55 -7.13
CA HIS C 44 -3.18 9.18 -7.52
C HIS C 44 -4.58 8.98 -8.09
N CYS C 45 -5.58 9.64 -7.51
CA CYS C 45 -6.96 9.51 -7.98
C CYS C 45 -7.51 10.80 -8.55
N LYS C 46 -6.76 11.91 -8.46
CA LYS C 46 -7.08 13.21 -9.01
C LYS C 46 -8.23 13.92 -8.31
N GLN C 47 -8.77 13.38 -7.23
CA GLN C 47 -9.85 14.03 -6.49
C GLN C 47 -9.28 15.08 -5.52
N VAL C 48 -10.10 16.08 -5.21
CA VAL C 48 -9.71 17.13 -4.27
C VAL C 48 -9.98 16.66 -2.86
N VAL C 49 -8.96 16.74 -2.00
CA VAL C 49 -9.08 16.25 -0.63
C VAL C 49 -8.49 17.30 0.29
N GLU C 50 -8.96 17.31 1.54
CA GLU C 50 -8.35 18.16 2.57
C GLU C 50 -6.93 17.67 2.85
N ILE C 51 -5.98 18.59 2.87
CA ILE C 51 -4.61 18.19 3.18
C ILE C 51 -4.52 17.55 4.57
N SER C 52 -5.22 18.12 5.55
CA SER C 52 -5.15 17.58 6.92
C SER C 52 -5.68 16.14 7.00
N SER C 53 -6.41 15.68 5.99
CA SER C 53 -6.98 14.34 5.93
C SER C 53 -6.33 13.48 4.84
N LEU C 54 -5.23 13.94 4.23
CA LEU C 54 -4.70 13.26 3.06
C LEU C 54 -4.17 11.87 3.39
N THR C 55 -3.49 11.71 4.53
CA THR C 55 -2.98 10.37 4.86
C THR C 55 -4.12 9.38 5.02
N GLU C 56 -5.15 9.79 5.77
CA GLU C 56 -6.34 8.95 5.90
C GLU C 56 -6.93 8.64 4.53
N HIS C 57 -7.00 9.64 3.64
CA HIS C 57 -7.49 9.40 2.28
C HIS C 57 -6.68 8.32 1.59
N LEU C 58 -5.34 8.47 1.60
CA LEU C 58 -4.47 7.57 0.84
C LEU C 58 -4.53 6.15 1.36
N LEU C 59 -4.68 5.99 2.68
CA LEU C 59 -4.69 4.68 3.29
C LEU C 59 -6.05 4.01 3.23
N THR C 60 -7.16 4.75 3.23
CA THR C 60 -8.46 4.15 3.47
C THR C 60 -9.55 4.49 2.46
N GLU C 61 -9.34 5.46 1.57
CA GLU C 61 -10.43 5.92 0.71
C GLU C 61 -10.02 6.02 -0.75
N CYS C 62 -8.75 6.38 -1.00
CA CYS C 62 -8.27 6.64 -2.34
C CYS C 62 -8.56 5.45 -3.24
N ASP C 63 -8.84 5.74 -4.52
CA ASP C 63 -8.98 4.69 -5.51
C ASP C 63 -7.73 3.82 -5.59
N LYS C 64 -6.56 4.39 -5.32
CA LYS C 64 -5.27 3.71 -5.39
C LYS C 64 -4.78 3.24 -4.01
N LYS C 65 -5.66 3.19 -3.01
CA LYS C 65 -5.19 2.92 -1.65
C LYS C 65 -4.48 1.58 -1.52
N ASP C 66 -4.82 0.60 -2.36
CA ASP C 66 -4.25 -0.73 -2.17
C ASP C 66 -2.80 -0.82 -2.61
N GLY C 67 -2.27 0.19 -3.29
CA GLY C 67 -0.85 0.27 -3.58
C GLY C 67 0.00 0.84 -2.44
N PHE C 68 -0.60 1.21 -1.32
CA PHE C 68 0.11 1.84 -0.20
C PHE C 68 0.16 0.95 1.03
N GLY C 69 1.20 1.15 1.85
CA GLY C 69 1.21 0.70 3.22
C GLY C 69 1.46 1.92 4.11
N LYS C 70 1.35 1.71 5.41
CA LYS C 70 1.59 2.79 6.37
C LYS C 70 2.93 2.57 7.05
N CYS C 71 3.74 3.63 7.15
CA CYS C 71 4.97 3.58 7.93
C CYS C 71 4.65 3.94 9.37
N TYR C 72 4.94 3.03 10.31
CA TYR C 72 4.64 3.28 11.72
C TYR C 72 5.49 4.43 12.28
N ARG C 73 6.64 4.65 11.68
CA ARG C 73 7.60 5.63 12.21
C ARG C 73 7.18 7.06 11.89
N CYS C 74 6.74 7.34 10.66
CA CYS C 74 6.31 8.70 10.31
C CYS C 74 4.80 8.84 10.14
N SER C 75 4.03 7.77 10.24
CA SER C 75 2.56 7.69 10.15
C SER C 75 2.04 7.82 8.72
N GLU C 76 2.89 8.04 7.74
CA GLU C 76 2.45 8.41 6.41
C GLU C 76 2.21 7.17 5.53
N ALA C 77 1.42 7.38 4.47
CA ALA C 77 1.27 6.38 3.41
C ALA C 77 2.51 6.33 2.53
N VAL C 78 2.99 5.11 2.25
CA VAL C 78 4.19 4.90 1.43
C VAL C 78 3.82 3.82 0.40
N PHE C 79 4.24 3.99 -0.85
CA PHE C 79 4.01 2.90 -1.80
C PHE C 79 4.55 1.59 -1.22
N LYS C 80 3.79 0.49 -1.43
CA LYS C 80 4.29 -0.82 -1.03
C LYS C 80 5.64 -1.13 -1.65
N GLU C 81 5.85 -0.68 -2.88
CA GLU C 81 7.14 -0.87 -3.56
C GLU C 81 8.28 -0.31 -2.75
N GLU C 82 8.03 0.74 -1.99
CA GLU C 82 9.06 1.53 -1.34
C GLU C 82 9.12 1.32 0.16
N LEU C 83 8.05 0.85 0.78
CA LEU C 83 8.02 0.80 2.25
C LEU C 83 9.13 -0.05 2.84
N PRO C 84 9.51 -1.21 2.27
CA PRO C 84 10.62 -1.95 2.90
C PRO C 84 11.91 -1.15 2.99
N ARG C 85 12.32 -0.48 1.92
CA ARG C 85 13.52 0.34 1.99
C ARG C 85 13.32 1.57 2.86
N HIS C 86 12.13 2.16 2.78
CA HIS C 86 11.79 3.31 3.62
C HIS C 86 12.06 3.01 5.09
N ILE C 87 11.68 1.81 5.53
CA ILE C 87 11.90 1.38 6.91
C ILE C 87 13.37 1.00 7.13
N LYS C 88 13.93 0.22 6.21
CA LYS C 88 15.27 -0.33 6.42
C LYS C 88 16.31 0.78 6.52
N HIS C 89 16.18 1.82 5.69
CA HIS C 89 17.15 2.90 5.65
C HIS C 89 16.77 4.08 6.53
N LYS C 90 15.70 3.96 7.32
CA LYS C 90 15.24 5.02 8.24
C LYS C 90 15.16 6.36 7.52
N ASP C 91 14.50 6.34 6.37
CA ASP C 91 14.49 7.49 5.48
C ASP C 91 13.76 8.68 6.09
N CYS C 92 12.74 8.44 6.90
CA CYS C 92 11.78 9.48 7.21
C CYS C 92 12.10 10.25 8.49
N ASN C 93 11.47 11.41 8.58
CA ASN C 93 11.37 12.20 9.80
C ASN C 93 10.29 11.57 10.70
N PRO C 94 10.64 11.06 11.88
CA PRO C 94 9.65 10.36 12.71
C PRO C 94 8.54 11.31 13.16
N ALA C 95 7.33 10.77 13.26
CA ALA C 95 6.14 11.48 13.70
C ALA C 95 5.98 11.39 15.21
N LYS C 96 5.16 12.28 15.74
CA LYS C 96 4.78 12.31 17.14
C LYS C 96 3.31 11.97 17.29
N PRO C 97 2.82 11.70 18.50
CA PRO C 97 1.38 11.43 18.67
C PRO C 97 0.56 12.68 18.33
N GLU C 98 -0.63 12.45 17.78
CA GLU C 98 -1.50 13.56 17.37
C GLU C 98 -1.62 14.64 18.44
N LYS C 99 -1.66 14.24 19.71
CA LYS C 99 -1.80 15.22 20.77
C LYS C 99 -0.60 16.15 20.87
N LEU C 100 0.59 15.68 20.54
CA LEU C 100 1.75 16.56 20.65
C LEU C 100 2.05 17.33 19.37
N ALA C 101 1.62 16.83 18.21
CA ALA C 101 2.01 17.48 16.97
C ALA C 101 1.09 17.05 15.83
N ASN C 102 0.94 17.96 14.87
CA ASN C 102 0.42 17.59 13.56
C ASN C 102 1.55 17.08 12.67
N ARG C 103 1.16 16.33 11.64
CA ARG C 103 2.08 15.81 10.63
C ARG C 103 1.54 16.24 9.28
N CYS C 104 2.34 17.03 8.53
CA CYS C 104 1.93 17.41 7.19
C CYS C 104 2.34 16.32 6.20
N PRO C 105 1.41 15.74 5.44
CA PRO C 105 1.77 14.72 4.46
C PRO C 105 2.31 15.26 3.15
N LEU C 106 2.38 16.58 2.98
CA LEU C 106 2.95 17.18 1.78
C LEU C 106 4.43 17.49 1.96
N CYS C 107 4.78 18.14 3.08
CA CYS C 107 6.17 18.51 3.34
C CYS C 107 6.85 17.58 4.36
N HIS C 108 6.10 16.69 4.99
CA HIS C 108 6.62 15.70 5.94
C HIS C 108 7.13 16.32 7.23
N GLU C 109 6.68 17.51 7.58
CA GLU C 109 7.11 18.14 8.82
C GLU C 109 6.11 17.88 9.94
N ASN C 110 6.63 17.83 11.15
CA ASN C 110 5.80 17.91 12.34
C ASN C 110 5.63 19.38 12.72
N PHE C 111 4.45 19.74 13.21
CA PHE C 111 4.24 21.10 13.68
C PHE C 111 3.20 21.05 14.79
N SER C 112 2.84 22.24 15.30
CA SER C 112 1.93 22.39 16.42
C SER C 112 0.64 21.59 16.25
N PRO C 113 0.11 21.01 17.32
CA PRO C 113 -1.14 20.27 17.22
C PRO C 113 -2.34 21.20 17.12
N GLY C 114 -3.46 20.62 16.70
CA GLY C 114 -4.71 21.35 16.64
C GLY C 114 -5.00 21.87 15.24
N GLU C 115 -6.27 22.27 15.05
CA GLU C 115 -6.74 22.67 13.73
C GLU C 115 -6.22 24.05 13.34
N GLU C 116 -6.16 24.99 14.29
CA GLU C 116 -5.64 26.32 13.97
C GLU C 116 -4.21 26.27 13.51
N ALA C 117 -3.44 25.31 14.03
CA ALA C 117 -2.10 25.09 13.52
C ALA C 117 -2.13 24.68 12.04
N TRP C 118 -3.15 23.94 11.60
CA TRP C 118 -3.22 23.53 10.20
C TRP C 118 -3.30 24.75 9.29
N LYS C 119 -4.08 25.74 9.71
CA LYS C 119 -4.24 26.93 8.89
C LYS C 119 -2.96 27.73 8.83
N ALA C 120 -2.27 27.90 9.96
CA ALA C 120 -0.99 28.58 9.95
C ALA C 120 0.00 27.83 9.09
N HIS C 121 0.04 26.50 9.20
CA HIS C 121 0.95 25.71 8.40
C HIS C 121 0.69 25.89 6.90
N LEU C 122 -0.57 25.77 6.49
CA LEU C 122 -0.85 25.71 5.06
C LEU C 122 -1.07 27.08 4.45
N MET C 123 -1.34 28.10 5.26
CA MET C 123 -1.71 29.40 4.74
C MET C 123 -0.85 30.56 5.22
N GLY C 124 -0.20 30.45 6.39
CA GLY C 124 0.56 31.57 6.92
C GLY C 124 1.91 31.71 6.24
N PRO C 125 2.68 32.71 6.68
CA PRO C 125 3.97 32.97 6.02
C PRO C 125 5.08 31.99 6.37
N ALA C 126 5.00 31.26 7.49
CA ALA C 126 5.97 30.20 7.74
C ALA C 126 5.39 28.89 7.24
N GLY C 127 5.62 27.77 7.94
CA GLY C 127 4.86 26.55 7.60
C GLY C 127 5.27 25.92 6.27
N CYS C 128 4.26 25.41 5.55
CA CYS C 128 4.48 24.38 4.52
C CYS C 128 5.31 24.89 3.35
N THR C 129 6.31 24.11 2.94
CA THR C 129 7.07 24.41 1.73
C THR C 129 6.57 23.64 0.52
N MET C 130 5.59 22.75 0.67
CA MET C 130 5.15 21.87 -0.41
C MET C 130 3.67 22.05 -0.71
N ASN C 131 3.14 23.26 -0.51
CA ASN C 131 1.73 23.56 -0.80
C ASN C 131 1.67 24.36 -2.09
N LEU C 132 1.41 23.67 -3.20
CA LEU C 132 1.48 24.30 -4.52
C LEU C 132 0.51 25.46 -4.66
N ARG C 133 -0.55 25.50 -3.87
CA ARG C 133 -1.48 26.62 -3.94
C ARG C 133 -1.05 27.83 -3.11
N LYS C 134 -0.02 27.68 -2.27
CA LYS C 134 0.46 28.80 -1.44
C LYS C 134 0.92 29.97 -2.30
N PRO D 2 46.83 -13.84 -14.98
CA PRO D 2 46.63 -13.13 -13.72
C PRO D 2 45.39 -13.64 -12.96
N HIS D 3 45.43 -13.53 -11.62
CA HIS D 3 44.37 -14.06 -10.76
C HIS D 3 43.32 -12.98 -10.47
N MET D 4 42.05 -13.40 -10.35
CA MET D 4 40.99 -12.51 -9.90
C MET D 4 40.81 -12.61 -8.40
N ASP D 5 40.67 -11.47 -7.74
CA ASP D 5 40.26 -11.43 -6.34
C ASP D 5 38.78 -11.78 -6.32
N GLU D 6 38.49 -13.07 -6.15
CA GLU D 6 37.20 -13.71 -6.40
C GLU D 6 36.00 -12.84 -6.07
N HIS D 7 36.10 -12.05 -5.01
CA HIS D 7 35.03 -11.10 -4.67
C HIS D 7 35.25 -9.76 -5.35
N TYR D 8 35.57 -9.82 -6.65
CA TYR D 8 35.70 -8.61 -7.45
C TYR D 8 34.41 -7.81 -7.48
N LEU D 9 33.27 -8.49 -7.39
CA LEU D 9 31.99 -7.81 -7.38
C LEU D 9 31.68 -7.13 -6.05
N ASP D 10 32.45 -7.40 -4.99
CA ASP D 10 32.17 -6.81 -3.70
C ASP D 10 32.49 -5.31 -3.70
N ASN D 11 31.68 -4.54 -2.97
CA ASN D 11 31.82 -3.10 -2.83
C ASN D 11 31.68 -2.37 -4.17
N LEU D 12 31.05 -2.99 -5.16
CA LEU D 12 30.96 -2.42 -6.49
C LEU D 12 29.49 -2.20 -6.88
N CYS D 13 29.21 -1.02 -7.43
CA CYS D 13 27.96 -0.81 -8.15
C CYS D 13 28.22 -1.15 -9.61
N ILE D 14 27.55 -2.18 -10.11
CA ILE D 14 27.74 -2.58 -11.50
C ILE D 14 27.08 -1.61 -12.46
N PHE D 15 26.20 -0.72 -11.97
CA PHE D 15 25.52 0.18 -12.89
C PHE D 15 26.36 1.40 -13.22
N CYS D 16 26.93 2.05 -12.21
CA CYS D 16 27.75 3.22 -12.48
C CYS D 16 29.25 2.96 -12.36
N GLY D 17 29.65 1.78 -11.87
CA GLY D 17 31.05 1.45 -11.76
C GLY D 17 31.74 1.94 -10.51
N GLU D 18 31.03 2.63 -9.61
CA GLU D 18 31.68 3.17 -8.43
CA GLU D 18 31.66 3.18 -8.42
C GLU D 18 31.94 2.08 -7.39
N ARG D 19 33.10 2.18 -6.75
CA ARG D 19 33.49 1.32 -5.65
C ARG D 19 33.55 2.17 -4.40
N SER D 20 33.12 1.60 -3.27
CA SER D 20 33.20 2.35 -2.03
C SER D 20 33.20 1.37 -0.88
N GLU D 21 33.92 1.73 0.19
CA GLU D 21 33.85 0.97 1.44
C GLU D 21 32.44 0.94 1.99
N GLU D 22 31.62 1.95 1.66
CA GLU D 22 30.24 1.98 2.11
C GLU D 22 29.38 0.97 1.37
N PHE D 23 29.83 0.45 0.23
CA PHE D 23 28.99 -0.42 -0.58
C PHE D 23 29.00 -1.85 -0.03
N THR D 24 28.64 -1.95 1.24
CA THR D 24 28.12 -3.19 1.79
C THR D 24 26.79 -3.51 1.11
N GLU D 25 26.21 -4.68 1.46
CA GLU D 25 24.94 -5.04 0.88
C GLU D 25 23.88 -3.98 1.16
N GLU D 26 23.90 -3.42 2.37
CA GLU D 26 22.92 -2.40 2.72
C GLU D 26 23.27 -1.05 2.12
N GLY D 27 24.57 -0.69 2.12
CA GLY D 27 24.98 0.57 1.55
C GLY D 27 24.82 0.62 0.04
N LEU D 28 25.03 -0.53 -0.62
CA LEU D 28 24.71 -0.62 -2.04
C LEU D 28 23.22 -0.45 -2.26
N ASP D 29 22.40 -1.04 -1.37
CA ASP D 29 20.96 -0.90 -1.55
C ASP D 29 20.53 0.56 -1.45
N LEU D 30 21.11 1.30 -0.49
CA LEU D 30 20.81 2.72 -0.38
C LEU D 30 21.30 3.48 -1.62
N HIS D 31 22.47 3.08 -2.13
CA HIS D 31 23.02 3.70 -3.33
C HIS D 31 22.08 3.54 -4.52
N TYR D 32 21.58 2.32 -4.77
CA TYR D 32 20.63 2.12 -5.86
C TYR D 32 19.38 2.97 -5.66
N TRP D 33 18.89 2.99 -4.43
CA TRP D 33 17.58 3.56 -4.13
C TRP D 33 17.56 5.07 -4.31
N LYS D 34 18.64 5.76 -3.92
CA LYS D 34 18.65 7.21 -3.87
C LYS D 34 19.74 7.91 -4.68
N HIS D 35 20.88 7.26 -4.95
CA HIS D 35 22.03 8.03 -5.39
C HIS D 35 22.59 7.65 -6.75
N CYS D 36 22.50 6.38 -7.15
CA CYS D 36 23.15 5.95 -8.39
C CYS D 36 22.68 6.77 -9.59
N LEU D 37 23.62 7.42 -10.29
CA LEU D 37 23.24 8.28 -11.41
C LEU D 37 22.69 7.52 -12.60
N MET D 38 22.90 6.20 -12.66
CA MET D 38 22.42 5.38 -13.77
C MET D 38 21.00 4.85 -13.55
N LEU D 39 20.45 5.02 -12.37
CA LEU D 39 19.13 4.51 -12.02
C LEU D 39 18.18 5.66 -11.73
N THR D 40 16.89 5.36 -11.76
CA THR D 40 15.89 6.33 -11.34
C THR D 40 14.77 5.62 -10.60
N ARG D 41 14.06 6.37 -9.79
CA ARG D 41 12.84 5.90 -9.12
C ARG D 41 11.66 6.28 -10.00
N CYS D 42 10.93 5.28 -10.51
CA CYS D 42 9.77 5.58 -11.37
C CYS D 42 8.79 6.47 -10.61
N ASP D 43 8.39 7.58 -11.23
CA ASP D 43 7.45 8.49 -10.58
C ASP D 43 6.13 7.82 -10.31
N HIS D 44 5.75 6.86 -11.15
CA HIS D 44 4.40 6.32 -11.11
C HIS D 44 4.25 5.12 -10.18
N CYS D 45 5.29 4.31 -10.03
CA CYS D 45 5.21 3.15 -9.13
C CYS D 45 6.30 3.09 -8.08
N LYS D 46 7.35 3.91 -8.19
CA LYS D 46 8.47 4.01 -7.25
C LYS D 46 9.45 2.86 -7.38
N GLN D 47 9.30 1.98 -8.35
CA GLN D 47 10.33 0.97 -8.57
C GLN D 47 11.61 1.64 -9.02
N VAL D 48 12.74 1.15 -8.51
CA VAL D 48 14.04 1.62 -8.99
C VAL D 48 14.38 0.86 -10.27
N VAL D 49 14.59 1.60 -11.37
CA VAL D 49 14.93 0.98 -12.65
C VAL D 49 16.12 1.69 -13.27
N GLU D 50 16.81 0.97 -14.17
CA GLU D 50 17.84 1.58 -15.00
C GLU D 50 17.22 2.62 -15.90
N ILE D 51 17.82 3.82 -15.97
CA ILE D 51 17.28 4.87 -16.84
C ILE D 51 17.27 4.39 -18.29
N SER D 52 18.30 3.63 -18.70
CA SER D 52 18.33 3.09 -20.05
C SER D 52 17.18 2.11 -20.30
N SER D 53 16.47 1.69 -19.26
CA SER D 53 15.34 0.77 -19.38
C SER D 53 14.01 1.42 -18.98
N LEU D 54 13.98 2.74 -18.74
CA LEU D 54 12.77 3.35 -18.17
C LEU D 54 11.58 3.23 -19.11
N THR D 55 11.76 3.57 -20.40
CA THR D 55 10.65 3.50 -21.35
C THR D 55 10.07 2.09 -21.39
N GLU D 56 10.94 1.08 -21.47
CA GLU D 56 10.48 -0.30 -21.45
C GLU D 56 9.74 -0.62 -20.17
N HIS D 57 10.22 -0.12 -19.02
CA HIS D 57 9.51 -0.32 -17.76
C HIS D 57 8.12 0.25 -17.81
N LEU D 58 7.99 1.49 -18.31
CA LEU D 58 6.71 2.15 -18.32
C LEU D 58 5.73 1.40 -19.20
N LEU D 59 6.22 0.81 -20.28
CA LEU D 59 5.34 0.18 -21.24
C LEU D 59 5.00 -1.25 -20.89
N THR D 60 5.90 -1.97 -20.19
CA THR D 60 5.74 -3.40 -20.00
C THR D 60 5.81 -3.88 -18.57
N GLU D 61 6.02 -3.01 -17.58
CA GLU D 61 6.26 -3.49 -16.22
C GLU D 61 5.56 -2.66 -15.16
N CYS D 62 5.59 -1.33 -15.32
CA CYS D 62 5.06 -0.40 -14.31
C CYS D 62 3.66 -0.78 -13.87
N ASP D 63 3.34 -0.43 -12.60
CA ASP D 63 1.97 -0.48 -12.09
C ASP D 63 1.00 0.07 -13.12
N LYS D 64 1.36 1.23 -13.69
CA LYS D 64 0.45 2.03 -14.49
C LYS D 64 0.64 1.79 -15.99
N LYS D 65 1.27 0.67 -16.36
CA LYS D 65 1.59 0.44 -17.75
C LYS D 65 0.36 0.47 -18.65
N ASP D 66 -0.80 0.07 -18.12
CA ASP D 66 -2.05 0.10 -18.89
C ASP D 66 -2.46 1.51 -19.25
N GLY D 67 -1.96 2.49 -18.53
CA GLY D 67 -2.25 3.86 -18.87
C GLY D 67 -1.24 4.51 -19.79
N PHE D 68 -0.24 3.77 -20.28
CA PHE D 68 0.77 4.30 -21.18
C PHE D 68 0.70 3.65 -22.56
N GLY D 69 0.95 4.44 -23.60
CA GLY D 69 1.21 3.91 -24.92
C GLY D 69 2.47 4.52 -25.51
N LYS D 70 2.98 3.88 -26.55
CA LYS D 70 4.23 4.30 -27.17
C LYS D 70 3.96 5.30 -28.29
N CYS D 71 4.65 6.43 -28.27
CA CYS D 71 4.65 7.36 -29.40
C CYS D 71 5.72 6.92 -30.38
N TYR D 72 5.33 6.68 -31.63
CA TYR D 72 6.34 6.18 -32.56
C TYR D 72 7.14 7.28 -33.21
N ARG D 73 6.81 8.54 -32.92
CA ARG D 73 7.63 9.64 -33.38
C ARG D 73 8.85 9.81 -32.46
N CYS D 74 8.63 9.87 -31.15
CA CYS D 74 9.71 10.05 -30.19
C CYS D 74 10.12 8.77 -29.48
N SER D 75 9.40 7.67 -29.71
CA SER D 75 9.70 6.35 -29.15
C SER D 75 9.56 6.30 -27.62
N GLU D 76 8.91 7.28 -27.00
CA GLU D 76 8.77 7.31 -25.55
C GLU D 76 7.38 6.83 -25.13
N ALA D 77 7.24 6.58 -23.82
CA ALA D 77 5.95 6.26 -23.23
C ALA D 77 5.17 7.55 -22.95
N VAL D 78 3.91 7.58 -23.36
CA VAL D 78 3.02 8.71 -23.17
C VAL D 78 1.73 8.22 -22.51
N PHE D 79 1.14 9.05 -21.65
CA PHE D 79 -0.18 8.72 -21.12
C PHE D 79 -1.15 8.54 -22.28
N LYS D 80 -1.85 7.39 -22.29
CA LYS D 80 -2.81 7.11 -23.36
C LYS D 80 -3.82 8.24 -23.52
N GLU D 81 -4.25 8.85 -22.41
CA GLU D 81 -5.17 9.97 -22.48
C GLU D 81 -4.61 11.12 -23.30
N GLU D 82 -3.28 11.28 -23.31
CA GLU D 82 -2.66 12.42 -23.96
C GLU D 82 -2.02 12.05 -25.30
N LEU D 83 -2.07 10.78 -25.70
CA LEU D 83 -1.36 10.37 -26.90
C LEU D 83 -1.99 10.94 -28.17
N PRO D 84 -3.31 10.88 -28.39
CA PRO D 84 -3.86 11.52 -29.60
C PRO D 84 -3.43 12.97 -29.76
N ARG D 85 -3.54 13.78 -28.71
CA ARG D 85 -3.06 15.16 -28.78
C ARG D 85 -1.56 15.22 -29.04
N HIS D 86 -0.80 14.39 -28.31
CA HIS D 86 0.66 14.32 -28.45
C HIS D 86 1.07 14.05 -29.90
N ILE D 87 0.39 13.11 -30.57
CA ILE D 87 0.72 12.79 -31.95
C ILE D 87 0.23 13.87 -32.92
N LYS D 88 -0.91 14.49 -32.63
CA LYS D 88 -1.46 15.48 -33.55
C LYS D 88 -0.60 16.74 -33.57
N HIS D 89 -0.18 17.21 -32.40
CA HIS D 89 0.50 18.49 -32.30
C HIS D 89 2.01 18.37 -32.52
N LYS D 90 2.53 17.15 -32.71
CA LYS D 90 3.96 16.91 -32.93
C LYS D 90 4.81 17.70 -31.94
N ASP D 91 4.40 17.68 -30.68
CA ASP D 91 5.10 18.43 -29.64
C ASP D 91 6.46 17.84 -29.32
N CYS D 92 6.68 16.58 -29.65
CA CYS D 92 7.84 15.85 -29.15
C CYS D 92 9.01 15.96 -30.11
N ASN D 93 10.20 15.89 -29.54
CA ASN D 93 11.41 15.78 -30.32
C ASN D 93 11.47 14.42 -31.00
N PRO D 94 11.48 14.35 -32.32
CA PRO D 94 11.51 13.03 -32.97
C PRO D 94 12.76 12.25 -32.62
N ALA D 95 12.58 10.93 -32.51
CA ALA D 95 13.64 9.99 -32.22
C ALA D 95 14.20 9.39 -33.50
N LYS D 96 15.31 8.67 -33.36
CA LYS D 96 15.99 8.00 -34.46
C LYS D 96 16.04 6.50 -34.16
N PRO D 97 16.37 5.64 -35.13
CA PRO D 97 16.52 4.21 -34.83
C PRO D 97 17.63 3.97 -33.81
N GLU D 98 17.51 2.85 -33.09
CA GLU D 98 18.42 2.55 -31.99
C GLU D 98 19.86 2.42 -32.47
N LYS D 99 20.06 1.82 -33.65
CA LYS D 99 21.42 1.67 -34.16
C LYS D 99 22.09 3.03 -34.35
N LEU D 100 21.31 4.07 -34.60
CA LEU D 100 21.86 5.38 -34.88
C LEU D 100 21.96 6.28 -33.65
N ALA D 101 21.07 6.11 -32.67
CA ALA D 101 21.10 7.00 -31.52
C ALA D 101 20.47 6.31 -30.31
N ASN D 102 20.93 6.71 -29.13
CA ASN D 102 20.19 6.43 -27.90
C ASN D 102 19.16 7.54 -27.67
N ARG D 103 18.09 7.19 -26.98
CA ARG D 103 17.03 8.13 -26.62
C ARG D 103 16.95 8.20 -25.11
N CYS D 104 17.24 9.37 -24.54
CA CYS D 104 17.09 9.52 -23.09
C CYS D 104 15.65 9.87 -22.76
N PRO D 105 14.94 9.03 -21.99
CA PRO D 105 13.55 9.33 -21.63
C PRO D 105 13.41 10.41 -20.56
N LEU D 106 14.51 10.88 -19.99
CA LEU D 106 14.44 11.90 -18.96
C LEU D 106 14.48 13.31 -19.56
N CYS D 107 15.45 13.56 -20.46
CA CYS D 107 15.58 14.87 -21.08
C CYS D 107 15.09 14.91 -22.52
N HIS D 108 14.72 13.76 -23.10
CA HIS D 108 14.17 13.66 -24.46
C HIS D 108 15.19 14.00 -25.53
N GLU D 109 16.48 13.87 -25.22
CA GLU D 109 17.52 14.09 -26.21
C GLU D 109 17.88 12.79 -26.91
N ASN D 110 18.28 12.91 -28.17
CA ASN D 110 18.94 11.84 -28.89
C ASN D 110 20.44 12.03 -28.70
N PHE D 111 21.18 10.93 -28.59
CA PHE D 111 22.62 11.03 -28.41
C PHE D 111 23.29 9.76 -28.92
N SER D 112 24.62 9.73 -28.81
CA SER D 112 25.40 8.65 -29.39
C SER D 112 24.87 7.28 -28.94
N PRO D 113 24.83 6.30 -29.82
CA PRO D 113 24.23 5.00 -29.51
C PRO D 113 25.21 4.10 -28.73
N GLY D 114 24.70 2.95 -28.32
CA GLY D 114 25.49 1.97 -27.62
C GLY D 114 25.42 2.11 -26.11
N GLU D 115 25.79 1.03 -25.42
CA GLU D 115 25.65 0.98 -23.96
C GLU D 115 26.52 2.02 -23.28
N GLU D 116 27.77 2.17 -23.73
CA GLU D 116 28.74 3.00 -23.03
C GLU D 116 28.37 4.47 -23.07
N ALA D 117 27.70 4.92 -24.14
CA ALA D 117 27.31 6.32 -24.23
C ALA D 117 26.32 6.70 -23.12
N TRP D 118 25.57 5.73 -22.60
CA TRP D 118 24.65 6.01 -21.49
C TRP D 118 25.39 6.59 -20.30
N LYS D 119 26.57 6.05 -19.97
CA LYS D 119 27.31 6.55 -18.83
C LYS D 119 27.75 7.99 -19.06
N ALA D 120 28.30 8.27 -20.25
CA ALA D 120 28.70 9.64 -20.57
C ALA D 120 27.51 10.58 -20.51
N HIS D 121 26.35 10.15 -21.02
CA HIS D 121 25.19 11.03 -21.02
C HIS D 121 24.66 11.27 -19.60
N LEU D 122 24.52 10.21 -18.81
CA LEU D 122 23.92 10.34 -17.49
C LEU D 122 24.89 10.87 -16.44
N MET D 123 26.20 10.72 -16.65
CA MET D 123 27.16 11.10 -15.63
C MET D 123 28.25 12.03 -16.10
N GLY D 124 28.43 12.22 -17.41
CA GLY D 124 29.57 12.96 -17.92
C GLY D 124 29.37 14.46 -17.88
N PRO D 125 30.39 15.19 -18.34
CA PRO D 125 30.36 16.64 -18.21
C PRO D 125 29.50 17.35 -19.24
N ALA D 126 29.07 16.68 -20.31
CA ALA D 126 28.26 17.30 -21.38
C ALA D 126 27.09 16.38 -21.71
N GLY D 127 26.16 16.26 -20.79
CA GLY D 127 25.09 15.31 -20.98
C GLY D 127 23.73 15.75 -20.49
N CYS D 128 23.07 14.81 -19.81
CA CYS D 128 21.67 14.94 -19.40
C CYS D 128 21.44 16.16 -18.53
N THR D 129 20.45 16.98 -18.91
CA THR D 129 20.01 18.09 -18.10
C THR D 129 18.86 17.75 -17.17
N MET D 130 18.41 16.49 -17.17
CA MET D 130 17.22 16.10 -16.42
C MET D 130 17.48 14.90 -15.51
N ASN D 131 18.70 14.77 -14.99
CA ASN D 131 19.04 13.66 -14.11
C ASN D 131 19.01 14.19 -12.69
N LEU D 132 17.84 14.09 -12.03
CA LEU D 132 17.64 14.73 -10.73
C LEU D 132 18.55 14.18 -9.63
N ARG D 133 19.29 13.11 -9.89
CA ARG D 133 20.21 12.62 -8.87
C ARG D 133 21.57 13.30 -8.90
N LYS D 134 21.84 14.16 -9.89
CA LYS D 134 23.11 14.89 -9.93
C LYS D 134 23.25 15.86 -8.77
ZN ZN E . -25.41 -6.31 19.81
ZN ZN F . -9.97 3.37 14.20
ZN ZN G . 3.38 -4.42 25.17
ZN ZN H . -11.26 -12.19 23.81
ZN ZN I . -2.84 -21.38 -16.82
ZN ZN J . 4.32 -16.13 -2.79
ZN ZN K . -17.39 -20.51 -22.35
ZN ZN L . -12.35 -8.43 -7.70
ZN ZN M . 3.38 20.97 4.94
ZN ZN N . 8.30 6.65 7.59
ZN ZN O . -6.58 9.69 -3.99
ZN ZN P . -11.22 27.52 1.03
ZN ZN Q . 25.80 3.22 -9.03
ZN ZN R . 6.77 2.41 -12.78
ZN ZN S . 19.07 12.76 -20.51
ZN ZN T . 6.12 11.60 -29.16
#